data_4NFY
#
_entry.id   4NFY
#
_cell.length_a   85.906
_cell.length_b   85.906
_cell.length_c   84.492
_cell.angle_alpha   90.00
_cell.angle_beta   90.00
_cell.angle_gamma   90.00
#
_symmetry.space_group_name_H-M   'P 41'
#
loop_
_entity.id
_entity.type
_entity.pdbx_description
1 polymer 'D-3-phosphoglycerate dehydrogenase, putative'
2 non-polymer 2-AMINO-2-HYDROXYMETHYL-PROPANE-1,3-DIOL
3 water water
#
_entity_poly.entity_id   1
_entity_poly.type   'polypeptide(L)'
_entity_poly.pdbx_seq_one_letter_code
;MKIVVITEKPFAENAVKGIREILEKAGHEVVMIEKYKKKEDVIERIKDADGVIVRSDKIDEEIIKAGEKVKIIVRAGAGY
DNIDIEACNQGKIVVMNTPGQNRNGVAELCIGMMIFGFRKGFKEGKGRELKDKTLGICGCGYVGKRVKEIAEGIGMKIKV
YDPFITTENQVKKIEELFEECQVISLHLPLTKETKGKIGYELIKKLPYGGMICNTARKEIIDEEGLIRIMREREDLIYIT
DVAPTSKVFNNEFKGRFFATPIKIGAETEESNINAGMAAASQICDFFTNGTVKFQVNKFLEHHHHHH
;
_entity_poly.pdbx_strand_id   A,B
#
# COMPACT_ATOMS: atom_id res chain seq x y z
N MET A 1 -10.75 -14.04 -41.52
CA MET A 1 -9.34 -13.73 -41.12
C MET A 1 -8.78 -14.74 -40.12
N LYS A 2 -7.59 -15.25 -40.41
CA LYS A 2 -6.88 -16.15 -39.49
C LYS A 2 -5.91 -15.32 -38.63
N ILE A 3 -5.99 -15.51 -37.31
CA ILE A 3 -5.16 -14.79 -36.37
C ILE A 3 -4.32 -15.79 -35.62
N VAL A 4 -3.01 -15.67 -35.73
CA VAL A 4 -2.12 -16.54 -34.98
C VAL A 4 -1.63 -15.84 -33.71
N VAL A 5 -1.56 -16.59 -32.62
CA VAL A 5 -1.14 -16.07 -31.33
C VAL A 5 0.14 -16.77 -30.92
N ILE A 6 1.25 -16.03 -30.98
CA ILE A 6 2.57 -16.61 -30.81
C ILE A 6 3.09 -16.26 -29.43
N THR A 7 3.18 -17.26 -28.56
CA THR A 7 3.62 -17.05 -27.19
C THR A 7 4.43 -18.23 -26.66
N GLU A 8 5.75 -18.08 -26.60
CA GLU A 8 6.60 -19.04 -25.87
C GLU A 8 6.20 -19.11 -24.39
N LYS A 9 5.88 -17.95 -23.81
CA LYS A 9 5.29 -17.87 -22.47
C LYS A 9 3.78 -17.68 -22.60
N PRO A 10 3.00 -18.76 -22.49
CA PRO A 10 1.58 -18.60 -22.76
C PRO A 10 0.88 -17.61 -21.84
N PHE A 11 -0.22 -17.03 -22.33
CA PHE A 11 -1.11 -16.25 -21.50
C PHE A 11 -1.79 -17.20 -20.54
N ALA A 12 -2.34 -16.66 -19.46
CA ALA A 12 -3.15 -17.44 -18.56
C ALA A 12 -4.40 -17.94 -19.29
N GLU A 13 -5.04 -18.98 -18.76
CA GLU A 13 -6.14 -19.65 -19.47
C GLU A 13 -7.34 -18.74 -19.74
N ASN A 14 -7.72 -17.94 -18.75
CA ASN A 14 -8.82 -16.97 -18.90
C ASN A 14 -8.50 -15.84 -19.89
N ALA A 15 -7.22 -15.52 -20.06
CA ALA A 15 -6.80 -14.52 -21.04
C ALA A 15 -6.98 -15.08 -22.44
N VAL A 16 -6.53 -16.32 -22.63
CA VAL A 16 -6.72 -16.99 -23.90
C VAL A 16 -8.20 -17.06 -24.25
N LYS A 17 -9.01 -17.44 -23.27
CA LYS A 17 -10.45 -17.51 -23.45
C LYS A 17 -11.01 -16.16 -23.93
N GLY A 18 -10.58 -15.07 -23.29
CA GLY A 18 -11.04 -13.73 -23.66
C GLY A 18 -10.63 -13.30 -25.06
N ILE A 19 -9.35 -13.53 -25.40
CA ILE A 19 -8.86 -13.30 -26.76
C ILE A 19 -9.72 -14.09 -27.74
N ARG A 20 -9.98 -15.37 -27.44
CA ARG A 20 -10.86 -16.20 -28.28
C ARG A 20 -12.22 -15.54 -28.47
N GLU A 21 -12.84 -15.13 -27.38
CA GLU A 21 -14.18 -14.60 -27.46
C GLU A 21 -14.24 -13.35 -28.34
N ILE A 22 -13.36 -12.39 -28.07
CA ILE A 22 -13.33 -11.16 -28.86
C ILE A 22 -13.22 -11.43 -30.37
N LEU A 23 -12.34 -12.34 -30.77
CA LEU A 23 -12.08 -12.57 -32.18
C LEU A 23 -13.09 -13.53 -32.84
N GLU A 24 -13.49 -14.59 -32.14
CA GLU A 24 -14.43 -15.57 -32.71
C GLU A 24 -15.85 -15.00 -32.87
N LYS A 25 -16.18 -13.98 -32.10
CA LYS A 25 -17.47 -13.30 -32.22
C LYS A 25 -17.56 -12.40 -33.45
N ALA A 26 -16.42 -11.88 -33.90
CA ALA A 26 -16.40 -10.80 -34.90
C ALA A 26 -16.50 -11.13 -36.42
N GLY A 27 -16.29 -12.37 -36.89
CA GLY A 27 -15.95 -13.56 -36.12
C GLY A 27 -14.84 -14.27 -36.87
N HIS A 28 -13.63 -14.09 -36.39
CA HIS A 28 -12.44 -14.57 -37.06
C HIS A 28 -11.99 -15.90 -36.45
N GLU A 29 -10.92 -16.44 -36.99
CA GLU A 29 -10.33 -17.68 -36.48
C GLU A 29 -9.12 -17.36 -35.61
N VAL A 30 -8.95 -18.13 -34.54
CA VAL A 30 -7.83 -17.97 -33.62
C VAL A 30 -7.05 -19.27 -33.59
N VAL A 31 -5.74 -19.18 -33.81
CA VAL A 31 -4.87 -20.35 -33.75
C VAL A 31 -3.68 -20.06 -32.83
N MET A 32 -3.51 -20.92 -31.84
CA MET A 32 -2.53 -20.70 -30.79
C MET A 32 -1.20 -21.34 -31.15
N ILE A 33 -0.10 -20.71 -30.74
CA ILE A 33 1.21 -21.32 -30.85
C ILE A 33 1.91 -21.09 -29.52
N GLU A 34 1.79 -22.05 -28.63
CA GLU A 34 2.18 -21.89 -27.24
C GLU A 34 3.30 -22.85 -26.86
N LYS A 35 4.32 -22.33 -26.20
CA LYS A 35 5.44 -23.13 -25.68
C LYS A 35 6.25 -23.75 -26.82
N TYR A 36 6.21 -23.16 -28.02
CA TYR A 36 6.96 -23.68 -29.14
C TYR A 36 8.45 -23.65 -28.78
N LYS A 37 9.18 -24.69 -29.17
CA LYS A 37 10.60 -24.77 -28.83
C LYS A 37 11.51 -24.44 -30.01
N LYS A 38 10.93 -24.37 -31.21
CA LYS A 38 11.74 -24.22 -32.40
C LYS A 38 11.20 -23.15 -33.36
N LYS A 39 12.07 -22.24 -33.75
CA LYS A 39 11.78 -21.20 -34.73
C LYS A 39 10.94 -21.67 -35.94
N GLU A 40 11.16 -22.89 -36.40
CA GLU A 40 10.41 -23.43 -37.53
C GLU A 40 8.94 -23.64 -37.19
N ASP A 41 8.64 -23.95 -35.92
CA ASP A 41 7.26 -24.20 -35.49
C ASP A 41 6.40 -23.01 -35.87
N VAL A 42 6.84 -21.82 -35.45
CA VAL A 42 6.14 -20.57 -35.76
C VAL A 42 6.13 -20.25 -37.27
N ILE A 43 7.21 -20.56 -37.98
CA ILE A 43 7.30 -20.32 -39.43
C ILE A 43 6.28 -21.14 -40.22
N GLU A 44 6.13 -22.42 -39.89
CA GLU A 44 5.14 -23.28 -40.55
C GLU A 44 3.74 -22.69 -40.40
N ARG A 45 3.44 -22.23 -39.19
CA ARG A 45 2.09 -21.88 -38.81
C ARG A 45 1.70 -20.49 -39.32
N ILE A 46 2.67 -19.58 -39.40
CA ILE A 46 2.36 -18.18 -39.72
C ILE A 46 2.04 -17.90 -41.20
N LYS A 47 2.32 -18.85 -42.10
CA LYS A 47 2.19 -18.60 -43.55
C LYS A 47 0.79 -18.19 -44.00
N ASP A 48 -0.23 -18.76 -43.36
CA ASP A 48 -1.64 -18.49 -43.69
C ASP A 48 -2.26 -17.32 -42.92
N ALA A 49 -1.46 -16.64 -42.10
CA ALA A 49 -1.97 -15.70 -41.12
C ALA A 49 -2.27 -14.30 -41.68
N ASP A 50 -3.41 -13.76 -41.27
CA ASP A 50 -3.75 -12.36 -41.54
C ASP A 50 -3.29 -11.44 -40.40
N GLY A 51 -3.20 -11.98 -39.19
CA GLY A 51 -2.89 -11.18 -38.00
C GLY A 51 -2.04 -11.95 -37.02
N VAL A 52 -1.36 -11.23 -36.13
CA VAL A 52 -0.50 -11.84 -35.10
C VAL A 52 -0.62 -11.10 -33.77
N ILE A 53 -0.66 -11.86 -32.68
CA ILE A 53 -0.50 -11.30 -31.33
C ILE A 53 0.69 -11.99 -30.69
N VAL A 54 1.61 -11.20 -30.16
CA VAL A 54 2.79 -11.72 -29.47
C VAL A 54 2.98 -11.07 -28.12
N ARG A 55 3.77 -11.73 -27.29
CA ARG A 55 4.20 -11.18 -26.03
C ARG A 55 5.61 -10.69 -26.32
N SER A 56 6.60 -11.06 -25.51
CA SER A 56 7.98 -10.61 -25.75
C SER A 56 8.75 -11.44 -26.82
N ASP A 57 8.07 -12.37 -27.49
CA ASP A 57 8.71 -13.25 -28.50
C ASP A 57 9.43 -12.45 -29.59
N LYS A 58 10.58 -12.97 -30.03
CA LYS A 58 11.31 -12.33 -31.12
C LYS A 58 10.62 -12.62 -32.44
N ILE A 59 10.14 -11.57 -33.09
CA ILE A 59 9.55 -11.67 -34.41
C ILE A 59 10.53 -11.01 -35.37
N ASP A 60 11.32 -11.84 -36.04
CA ASP A 60 12.41 -11.37 -36.89
C ASP A 60 12.06 -11.38 -38.37
N GLU A 61 13.01 -10.95 -39.19
CA GLU A 61 12.80 -10.78 -40.62
C GLU A 61 12.31 -12.04 -41.31
N GLU A 62 12.93 -13.18 -41.02
CA GLU A 62 12.53 -14.43 -41.67
C GLU A 62 11.07 -14.71 -41.36
N ILE A 63 10.72 -14.69 -40.08
CA ILE A 63 9.34 -14.96 -39.66
C ILE A 63 8.40 -14.01 -40.39
N ILE A 64 8.74 -12.72 -40.38
CA ILE A 64 7.92 -11.69 -41.02
C ILE A 64 7.72 -11.94 -42.52
N LYS A 65 8.76 -12.42 -43.21
CA LYS A 65 8.67 -12.76 -44.63
C LYS A 65 7.87 -14.05 -44.86
N ALA A 66 7.95 -14.98 -43.92
CA ALA A 66 7.09 -16.15 -43.95
C ALA A 66 5.62 -15.71 -43.93
N GLY A 67 5.32 -14.62 -43.21
CA GLY A 67 3.97 -14.10 -43.10
C GLY A 67 3.55 -13.31 -44.32
N GLU A 68 3.28 -14.02 -45.40
CA GLU A 68 2.98 -13.44 -46.71
C GLU A 68 1.87 -12.39 -46.67
N LYS A 69 0.71 -12.76 -46.10
CA LYS A 69 -0.45 -11.86 -46.10
C LYS A 69 -0.84 -11.35 -44.70
N VAL A 70 0.14 -11.32 -43.80
CA VAL A 70 -0.05 -10.72 -42.48
C VAL A 70 -0.10 -9.21 -42.65
N LYS A 71 -1.17 -8.60 -42.16
CA LYS A 71 -1.36 -7.16 -42.26
C LYS A 71 -1.09 -6.42 -40.94
N ILE A 72 -1.17 -7.13 -39.81
CA ILE A 72 -1.07 -6.49 -38.50
C ILE A 72 -0.48 -7.43 -37.47
N ILE A 73 0.45 -6.90 -36.67
CA ILE A 73 1.04 -7.62 -35.53
C ILE A 73 0.87 -6.76 -34.29
N VAL A 74 0.18 -7.27 -33.26
CA VAL A 74 0.01 -6.53 -32.01
C VAL A 74 0.79 -7.17 -30.87
N ARG A 75 1.73 -6.38 -30.34
CA ARG A 75 2.43 -6.69 -29.11
C ARG A 75 1.54 -6.43 -27.90
N ALA A 76 1.16 -7.50 -27.21
CA ALA A 76 0.48 -7.39 -25.94
C ALA A 76 1.48 -6.97 -24.89
N GLY A 77 1.49 -5.67 -24.60
CA GLY A 77 2.45 -5.11 -23.65
C GLY A 77 2.93 -3.76 -24.11
N ALA A 78 4.02 -3.29 -23.53
CA ALA A 78 4.53 -1.93 -23.75
C ALA A 78 5.61 -1.86 -24.83
N GLY A 79 6.66 -2.67 -24.67
CA GLY A 79 7.82 -2.61 -25.55
C GLY A 79 7.54 -3.37 -26.82
N TYR A 80 8.30 -3.08 -27.87
CA TYR A 80 8.24 -3.82 -29.14
C TYR A 80 9.64 -4.02 -29.75
N ASP A 81 10.68 -3.88 -28.93
CA ASP A 81 12.06 -4.17 -29.33
C ASP A 81 12.17 -5.57 -29.96
N ASN A 82 11.37 -6.50 -29.44
CA ASN A 82 11.35 -7.88 -29.92
C ASN A 82 10.89 -8.07 -31.37
N ILE A 83 10.29 -7.03 -31.95
CA ILE A 83 9.78 -7.12 -33.32
C ILE A 83 10.66 -6.29 -34.26
N ASP A 84 11.03 -6.87 -35.40
CA ASP A 84 11.78 -6.14 -36.43
C ASP A 84 10.84 -5.18 -37.16
N ILE A 85 10.91 -3.91 -36.78
CA ILE A 85 10.01 -2.88 -37.28
C ILE A 85 10.31 -2.51 -38.73
N GLU A 86 11.58 -2.56 -39.11
CA GLU A 86 12.00 -2.23 -40.47
C GLU A 86 11.52 -3.28 -41.45
N ALA A 87 11.70 -4.55 -41.10
CA ALA A 87 11.18 -5.65 -41.90
C ALA A 87 9.64 -5.62 -42.01
N CYS A 88 8.96 -5.16 -40.96
CA CYS A 88 7.49 -4.98 -40.98
C CYS A 88 7.06 -3.84 -41.91
N ASN A 89 7.82 -2.74 -41.90
CA ASN A 89 7.59 -1.62 -42.80
C ASN A 89 7.78 -2.02 -44.26
N GLN A 90 8.88 -2.71 -44.53
CA GLN A 90 9.14 -3.30 -45.84
C GLN A 90 7.93 -4.08 -46.35
N GLY A 91 7.28 -4.85 -45.46
CA GLY A 91 6.11 -5.67 -45.80
C GLY A 91 4.72 -5.04 -45.64
N LYS A 92 4.64 -3.74 -45.42
CA LYS A 92 3.34 -3.07 -45.20
C LYS A 92 2.56 -3.74 -44.06
N ILE A 93 3.22 -3.98 -42.94
CA ILE A 93 2.59 -4.61 -41.78
C ILE A 93 2.46 -3.59 -40.67
N VAL A 94 1.21 -3.33 -40.28
CA VAL A 94 0.90 -2.46 -39.17
C VAL A 94 1.36 -3.12 -37.86
N VAL A 95 2.16 -2.41 -37.08
CA VAL A 95 2.61 -2.90 -35.78
C VAL A 95 2.06 -2.03 -34.67
N MET A 96 1.42 -2.68 -33.69
CA MET A 96 0.92 -2.02 -32.50
C MET A 96 1.47 -2.66 -31.24
N ASN A 97 1.45 -1.88 -30.17
CA ASN A 97 1.56 -2.36 -28.81
C ASN A 97 0.21 -2.12 -28.13
N THR A 98 0.12 -2.33 -26.82
CA THR A 98 -1.10 -2.04 -26.06
C THR A 98 -0.77 -1.12 -24.87
N PRO A 99 -0.76 0.20 -25.09
CA PRO A 99 -0.39 1.13 -24.02
C PRO A 99 -1.46 1.30 -22.96
N GLY A 100 -1.03 1.46 -21.70
CA GLY A 100 -1.95 1.72 -20.59
C GLY A 100 -2.60 0.49 -19.95
N GLN A 101 -2.14 -0.69 -20.33
CA GLN A 101 -2.72 -1.93 -19.81
C GLN A 101 -2.08 -2.40 -18.50
N ASN A 102 -1.01 -1.72 -18.07
CA ASN A 102 -0.30 -2.09 -16.85
C ASN A 102 -0.43 -1.01 -15.79
N ARG A 103 -1.23 0.01 -16.07
CA ARG A 103 -1.20 1.23 -15.26
C ARG A 103 -1.54 1.00 -13.80
N ASN A 104 -2.56 0.17 -13.55
CA ASN A 104 -2.98 -0.08 -12.18
C ASN A 104 -1.97 -0.93 -11.42
N GLY A 105 -1.30 -1.85 -12.14
CA GLY A 105 -0.27 -2.70 -11.54
C GLY A 105 0.90 -1.88 -11.04
N VAL A 106 1.32 -0.92 -11.86
CA VAL A 106 2.42 -0.02 -11.50
C VAL A 106 1.99 0.97 -10.43
N ALA A 107 0.78 1.52 -10.55
CA ALA A 107 0.27 2.49 -9.55
C ALA A 107 0.09 1.88 -8.16
N GLU A 108 -0.50 0.69 -8.08
CA GLU A 108 -0.61 0.02 -6.79
C GLU A 108 0.76 -0.33 -6.25
N LEU A 109 1.70 -0.68 -7.10
CA LEU A 109 3.03 -0.95 -6.57
C LEU A 109 3.62 0.34 -6.02
N CYS A 110 3.35 1.47 -6.67
CA CYS A 110 3.87 2.75 -6.18
C CYS A 110 3.30 3.06 -4.80
N ILE A 111 1.99 2.86 -4.63
CA ILE A 111 1.33 3.15 -3.36
C ILE A 111 1.80 2.20 -2.26
N GLY A 112 1.94 0.93 -2.61
CA GLY A 112 2.44 -0.06 -1.66
C GLY A 112 3.84 0.28 -1.20
N MET A 113 4.66 0.76 -2.12
CA MET A 113 6.04 1.09 -1.80
C MET A 113 6.14 2.32 -0.95
N MET A 114 5.22 3.26 -1.18
CA MET A 114 5.19 4.46 -0.38
C MET A 114 4.84 4.14 1.05
N ILE A 115 3.85 3.27 1.23
CA ILE A 115 3.47 2.88 2.58
C ILE A 115 4.64 2.10 3.21
N PHE A 116 5.23 1.20 2.43
CA PHE A 116 6.40 0.42 2.85
C PHE A 116 7.53 1.33 3.34
N GLY A 117 7.93 2.29 2.52
CA GLY A 117 9.01 3.22 2.90
C GLY A 117 8.66 4.05 4.13
N PHE A 118 7.44 4.57 4.18
CA PHE A 118 6.97 5.33 5.36
C PHE A 118 6.90 4.49 6.64
N ARG A 119 6.95 3.17 6.50
CA ARG A 119 6.88 2.25 7.61
C ARG A 119 8.12 1.36 7.76
N LYS A 120 9.25 1.87 7.28
CA LYS A 120 10.54 1.28 7.56
C LYS A 120 10.65 -0.17 7.11
N GLY A 121 10.02 -0.48 5.98
CA GLY A 121 10.03 -1.83 5.44
C GLY A 121 9.27 -2.83 6.30
N PHE A 122 8.28 -2.34 7.03
CA PHE A 122 7.52 -3.17 7.97
C PHE A 122 8.42 -3.78 9.04
N LYS A 123 9.37 -2.97 9.49
CA LYS A 123 10.28 -3.32 10.57
C LYS A 123 9.99 -2.37 11.73
N GLU A 124 10.72 -2.55 12.81
CA GLU A 124 10.54 -1.76 14.01
C GLU A 124 10.91 -0.30 13.77
N GLY A 125 10.18 0.61 14.40
CA GLY A 125 10.49 2.04 14.34
C GLY A 125 9.29 2.95 14.18
N LYS A 126 9.56 4.25 14.19
CA LYS A 126 8.52 5.25 14.16
C LYS A 126 8.13 5.50 12.70
N GLY A 127 6.90 5.13 12.34
CA GLY A 127 6.42 5.29 10.98
C GLY A 127 5.74 6.62 10.71
N ARG A 128 5.24 6.77 9.49
CA ARG A 128 4.43 7.92 9.12
C ARG A 128 3.30 7.47 8.20
N GLU A 129 2.34 8.36 7.98
CA GLU A 129 1.14 8.02 7.23
C GLU A 129 1.03 8.86 5.96
N LEU A 130 0.41 8.30 4.92
CA LEU A 130 0.22 9.02 3.68
C LEU A 130 -0.96 10.00 3.75
N LYS A 131 -1.98 9.63 4.51
CA LYS A 131 -3.17 10.47 4.66
C LYS A 131 -2.75 11.88 5.07
N ASP A 132 -3.27 12.88 4.37
CA ASP A 132 -3.00 14.31 4.62
C ASP A 132 -1.64 14.84 4.15
N LYS A 133 -0.74 13.98 3.71
CA LYS A 133 0.50 14.45 3.14
C LYS A 133 0.21 14.90 1.71
N THR A 134 1.07 15.76 1.18
CA THR A 134 0.95 16.22 -0.19
C THR A 134 1.90 15.41 -1.05
N LEU A 135 1.33 14.84 -2.10
CA LEU A 135 2.06 14.02 -3.05
C LEU A 135 2.30 14.85 -4.27
N GLY A 136 3.56 14.88 -4.71
CA GLY A 136 3.93 15.53 -5.96
C GLY A 136 4.14 14.49 -7.05
N ILE A 137 3.22 14.45 -8.01
CA ILE A 137 3.26 13.47 -9.07
C ILE A 137 4.01 14.02 -10.28
N CYS A 138 5.10 13.34 -10.65
CA CYS A 138 5.92 13.72 -11.80
C CYS A 138 5.65 12.85 -12.99
N GLY A 139 4.95 13.40 -13.96
CA GLY A 139 4.46 12.63 -15.09
C GLY A 139 3.02 12.30 -14.80
N CYS A 140 2.13 12.76 -15.65
CA CYS A 140 0.72 12.55 -15.42
C CYS A 140 0.19 11.86 -16.68
N GLY A 141 0.91 10.80 -17.07
CA GLY A 141 0.47 9.86 -18.10
C GLY A 141 -0.49 8.83 -17.53
N TYR A 142 -0.47 7.61 -18.06
CA TYR A 142 -1.40 6.54 -17.63
C TYR A 142 -1.22 6.21 -16.15
N VAL A 143 0.04 5.99 -15.78
CA VAL A 143 0.44 5.60 -14.42
C VAL A 143 0.15 6.75 -13.46
N GLY A 144 0.72 7.91 -13.79
CA GLY A 144 0.53 9.11 -13.00
C GLY A 144 -0.92 9.39 -12.69
N LYS A 145 -1.82 9.27 -13.67
CA LYS A 145 -3.24 9.53 -13.44
C LYS A 145 -3.87 8.54 -12.45
N ARG A 146 -3.50 7.28 -12.57
CA ARG A 146 -4.02 6.26 -11.68
C ARG A 146 -3.46 6.42 -10.26
N VAL A 147 -2.21 6.85 -10.15
CA VAL A 147 -1.60 7.10 -8.84
C VAL A 147 -2.34 8.22 -8.11
N LYS A 148 -2.65 9.27 -8.87
CA LYS A 148 -3.50 10.35 -8.39
C LYS A 148 -4.82 9.83 -7.82
N GLU A 149 -5.51 8.98 -8.58
CA GLU A 149 -6.80 8.42 -8.14
C GLU A 149 -6.68 7.60 -6.85
N ILE A 150 -5.61 6.81 -6.73
CA ILE A 150 -5.42 5.97 -5.56
C ILE A 150 -4.99 6.83 -4.38
N ALA A 151 -4.01 7.70 -4.63
CA ALA A 151 -3.49 8.61 -3.60
C ALA A 151 -4.59 9.49 -3.01
N GLU A 152 -5.44 10.04 -3.85
CA GLU A 152 -6.61 10.76 -3.36
C GLU A 152 -7.52 9.85 -2.54
N GLY A 153 -7.72 8.62 -3.01
CA GLY A 153 -8.59 7.68 -2.32
C GLY A 153 -8.15 7.49 -0.89
N ILE A 154 -6.85 7.36 -0.70
CA ILE A 154 -6.31 7.15 0.62
C ILE A 154 -6.04 8.47 1.34
N GLY A 155 -6.43 9.60 0.74
CA GLY A 155 -6.50 10.87 1.45
C GLY A 155 -5.25 11.72 1.40
N MET A 156 -4.47 11.61 0.33
CA MET A 156 -3.34 12.49 0.07
C MET A 156 -3.83 13.71 -0.71
N LYS A 157 -3.17 14.85 -0.50
CA LYS A 157 -3.38 16.04 -1.35
C LYS A 157 -2.41 15.96 -2.53
N ILE A 158 -2.80 16.52 -3.67
CA ILE A 158 -2.08 16.26 -4.91
C ILE A 158 -1.59 17.54 -5.58
N LYS A 159 -0.34 17.47 -6.05
CA LYS A 159 0.20 18.43 -7.01
C LYS A 159 0.87 17.67 -8.14
N VAL A 160 0.86 18.26 -9.32
CA VAL A 160 1.30 17.57 -10.50
C VAL A 160 2.26 18.39 -11.35
N TYR A 161 3.21 17.68 -11.94
CA TYR A 161 4.15 18.29 -12.88
C TYR A 161 4.26 17.35 -14.06
N ASP A 162 4.19 17.93 -15.24
CA ASP A 162 4.37 17.18 -16.46
C ASP A 162 4.52 18.17 -17.59
N PRO A 163 5.71 18.21 -18.22
CA PRO A 163 5.98 19.18 -19.28
C PRO A 163 5.46 18.77 -20.66
N PHE A 164 5.00 17.52 -20.81
CA PHE A 164 4.43 17.04 -22.08
C PHE A 164 2.90 17.08 -22.13
N ILE A 165 2.27 17.10 -20.96
CA ILE A 165 0.82 17.08 -20.86
C ILE A 165 0.37 18.45 -20.39
N THR A 166 -0.81 18.86 -20.85
CA THR A 166 -1.49 20.00 -20.26
C THR A 166 -2.64 19.43 -19.44
N THR A 167 -2.66 19.76 -18.15
CA THR A 167 -3.67 19.27 -17.21
C THR A 167 -3.99 20.39 -16.22
N GLU A 168 -5.18 20.35 -15.66
CA GLU A 168 -5.78 21.53 -15.00
C GLU A 168 -4.92 22.38 -14.05
N ASN A 169 -4.23 21.78 -13.08
CA ASN A 169 -3.59 22.55 -12.00
C ASN A 169 -2.06 22.44 -11.92
N GLN A 170 -1.42 21.99 -13.00
CA GLN A 170 -0.01 21.64 -12.94
C GLN A 170 0.86 22.80 -12.48
N VAL A 171 1.94 22.48 -11.78
CA VAL A 171 2.94 23.49 -11.46
C VAL A 171 3.84 23.64 -12.66
N LYS A 172 4.39 24.84 -12.84
CA LYS A 172 5.22 25.16 -14.00
C LYS A 172 6.61 24.56 -13.86
N LYS A 173 7.23 24.80 -12.70
CA LYS A 173 8.61 24.38 -12.47
C LYS A 173 8.63 23.21 -11.51
N ILE A 174 9.36 22.16 -11.89
CA ILE A 174 9.49 20.95 -11.06
C ILE A 174 10.03 21.26 -9.66
N GLU A 175 10.85 22.29 -9.56
CA GLU A 175 11.35 22.77 -8.27
C GLU A 175 10.20 23.03 -7.29
N GLU A 176 9.08 23.52 -7.83
CA GLU A 176 7.91 23.85 -7.03
C GLU A 176 7.29 22.61 -6.36
N LEU A 177 7.21 21.49 -7.07
CA LEU A 177 6.71 20.24 -6.48
C LEU A 177 7.59 19.82 -5.32
N PHE A 178 8.89 19.78 -5.55
CA PHE A 178 9.85 19.36 -4.52
C PHE A 178 9.88 20.29 -3.31
N GLU A 179 9.50 21.55 -3.50
CA GLU A 179 9.39 22.49 -2.38
C GLU A 179 8.14 22.23 -1.57
N GLU A 180 7.05 21.94 -2.27
CA GLU A 180 5.72 21.95 -1.68
C GLU A 180 5.13 20.58 -1.35
N CYS A 181 5.82 19.50 -1.69
CA CYS A 181 5.31 18.14 -1.44
C CYS A 181 6.20 17.31 -0.49
N GLN A 182 5.57 16.57 0.42
CA GLN A 182 6.30 15.66 1.30
C GLN A 182 6.75 14.40 0.59
N VAL A 183 6.00 13.98 -0.42
CA VAL A 183 6.25 12.74 -1.11
C VAL A 183 6.23 13.01 -2.60
N ILE A 184 7.19 12.42 -3.31
CA ILE A 184 7.32 12.59 -4.73
C ILE A 184 7.18 11.25 -5.42
N SER A 185 6.37 11.22 -6.47
CA SER A 185 6.24 10.03 -7.28
C SER A 185 6.72 10.27 -8.70
N LEU A 186 7.64 9.43 -9.16
CA LEU A 186 8.28 9.60 -10.47
C LEU A 186 7.75 8.64 -11.52
N HIS A 187 7.14 9.20 -12.57
CA HIS A 187 6.59 8.46 -13.71
C HIS A 187 6.88 9.18 -15.01
N LEU A 188 8.12 9.60 -15.19
CA LEU A 188 8.53 10.37 -16.36
C LEU A 188 9.30 9.48 -17.32
N PRO A 189 9.08 9.67 -18.64
CA PRO A 189 9.92 8.95 -19.61
C PRO A 189 11.36 9.46 -19.62
N LEU A 190 12.31 8.55 -19.85
CA LEU A 190 13.72 8.91 -19.92
C LEU A 190 14.01 9.59 -21.25
N THR A 191 14.46 10.85 -21.19
CA THR A 191 14.95 11.59 -22.36
C THR A 191 16.18 12.41 -21.97
N LYS A 192 16.87 12.95 -22.97
CA LYS A 192 17.92 13.95 -22.74
C LYS A 192 17.47 15.07 -21.80
N GLU A 193 16.19 15.43 -21.86
CA GLU A 193 15.63 16.47 -21.01
C GLU A 193 15.57 15.94 -19.58
N THR A 194 15.04 14.72 -19.41
CA THR A 194 14.82 14.15 -18.08
C THR A 194 15.99 13.31 -17.56
N LYS A 195 17.03 13.11 -18.37
CA LYS A 195 18.16 12.30 -17.95
C LYS A 195 18.92 13.03 -16.83
N GLY A 196 19.12 12.35 -15.72
CA GLY A 196 19.84 12.88 -14.57
C GLY A 196 19.20 14.08 -13.89
N LYS A 197 17.92 14.32 -14.18
CA LYS A 197 17.27 15.56 -13.77
C LYS A 197 16.99 15.64 -12.26
N ILE A 198 16.80 14.47 -11.64
CA ILE A 198 16.49 14.43 -10.22
C ILE A 198 17.79 14.26 -9.47
N GLY A 199 18.33 15.40 -9.02
CA GLY A 199 19.65 15.44 -8.42
C GLY A 199 19.71 16.31 -7.18
N TYR A 200 20.93 16.51 -6.69
CA TYR A 200 21.18 17.12 -5.39
C TYR A 200 20.33 18.36 -5.15
N GLU A 201 20.47 19.35 -6.01
CA GLU A 201 19.85 20.65 -5.81
C GLU A 201 18.32 20.56 -5.68
N LEU A 202 17.73 19.71 -6.50
CA LEU A 202 16.29 19.53 -6.49
C LEU A 202 15.81 18.79 -5.23
N ILE A 203 16.44 17.67 -4.94
CA ILE A 203 16.01 16.78 -3.84
C ILE A 203 16.17 17.48 -2.50
N LYS A 204 17.25 18.26 -2.39
CA LYS A 204 17.53 19.07 -1.22
C LYS A 204 16.33 19.86 -0.71
N LYS A 205 15.48 20.31 -1.63
CA LYS A 205 14.34 21.15 -1.29
C LYS A 205 13.19 20.46 -0.54
N LEU A 206 13.20 19.12 -0.51
CA LEU A 206 12.12 18.39 0.15
C LEU A 206 12.06 18.73 1.63
N PRO A 207 10.84 18.77 2.20
CA PRO A 207 10.73 18.97 3.64
C PRO A 207 11.21 17.77 4.43
N TYR A 208 11.29 17.93 5.75
CA TYR A 208 11.81 16.88 6.60
C TYR A 208 10.94 15.63 6.50
N GLY A 209 11.58 14.47 6.40
CA GLY A 209 10.89 13.22 6.12
C GLY A 209 10.50 13.01 4.67
N GLY A 210 11.03 13.85 3.76
CA GLY A 210 10.79 13.71 2.31
C GLY A 210 10.98 12.30 1.74
N MET A 211 10.14 11.94 0.78
CA MET A 211 10.21 10.60 0.20
C MET A 211 10.04 10.69 -1.30
N ILE A 212 10.85 9.91 -2.00
CA ILE A 212 10.78 9.84 -3.45
C ILE A 212 10.55 8.38 -3.79
N CYS A 213 9.52 8.11 -4.59
CA CYS A 213 9.24 6.76 -5.08
C CYS A 213 9.37 6.78 -6.59
N ASN A 214 10.13 5.84 -7.16
CA ASN A 214 10.43 5.80 -8.58
C ASN A 214 9.92 4.49 -9.18
N THR A 215 8.96 4.59 -10.10
CA THR A 215 8.46 3.43 -10.85
C THR A 215 8.86 3.47 -12.33
N ALA A 216 9.67 4.45 -12.72
CA ALA A 216 9.92 4.71 -14.15
C ALA A 216 11.26 4.15 -14.65
N ARG A 217 12.32 4.95 -14.61
CA ARG A 217 13.65 4.53 -15.05
C ARG A 217 14.71 5.00 -14.05
N LYS A 218 15.77 4.22 -13.89
CA LYS A 218 16.86 4.62 -13.00
C LYS A 218 17.60 5.87 -13.47
N GLU A 219 17.63 6.12 -14.78
CA GLU A 219 18.48 7.14 -15.38
C GLU A 219 17.99 8.57 -15.24
N ILE A 220 16.73 8.76 -14.83
CA ILE A 220 16.26 10.12 -14.52
C ILE A 220 16.80 10.61 -13.18
N ILE A 221 17.43 9.73 -12.42
CA ILE A 221 18.09 10.06 -11.16
C ILE A 221 19.54 10.45 -11.42
N ASP A 222 20.01 11.45 -10.68
CA ASP A 222 21.44 11.75 -10.64
C ASP A 222 21.92 11.01 -9.41
N GLU A 223 22.51 9.85 -9.65
CA GLU A 223 22.79 8.89 -8.59
C GLU A 223 23.74 9.45 -7.55
N GLU A 224 24.78 10.11 -8.03
CA GLU A 224 25.80 10.66 -7.16
C GLU A 224 25.19 11.83 -6.40
N GLY A 225 24.36 12.62 -7.07
CA GLY A 225 23.60 13.68 -6.42
C GLY A 225 22.64 13.22 -5.33
N LEU A 226 21.89 12.16 -5.61
CA LEU A 226 20.97 11.60 -4.62
C LEU A 226 21.77 11.02 -3.45
N ILE A 227 22.91 10.40 -3.75
CA ILE A 227 23.76 9.84 -2.69
C ILE A 227 24.27 10.93 -1.75
N ARG A 228 24.75 12.02 -2.34
CA ARG A 228 25.25 13.15 -1.58
C ARG A 228 24.20 13.68 -0.63
N ILE A 229 23.01 13.96 -1.16
CA ILE A 229 21.94 14.53 -0.32
C ILE A 229 21.44 13.55 0.74
N MET A 230 21.42 12.26 0.42
CA MET A 230 20.99 11.29 1.42
C MET A 230 22.01 11.16 2.56
N ARG A 231 23.29 11.30 2.25
CA ARG A 231 24.33 11.29 3.29
C ARG A 231 24.18 12.45 4.27
N GLU A 232 23.89 13.65 3.76
CA GLU A 232 23.63 14.80 4.66
C GLU A 232 22.19 14.86 5.18
N ARG A 233 21.24 14.28 4.47
CA ARG A 233 19.85 14.25 4.94
C ARG A 233 19.41 12.83 5.27
N GLU A 234 19.68 12.41 6.49
CA GLU A 234 19.31 11.05 6.92
C GLU A 234 17.81 10.85 7.05
N ASP A 235 17.04 11.93 6.98
CA ASP A 235 15.60 11.84 6.99
C ASP A 235 14.99 11.40 5.66
N LEU A 236 15.70 11.63 4.55
CA LEU A 236 15.17 11.29 3.21
C LEU A 236 15.07 9.79 2.94
N ILE A 237 13.99 9.41 2.24
CA ILE A 237 13.67 8.02 1.90
C ILE A 237 13.59 7.87 0.40
N TYR A 238 14.12 6.77 -0.14
CA TYR A 238 14.03 6.47 -1.56
C TYR A 238 13.60 5.02 -1.82
N ILE A 239 12.47 4.86 -2.50
CA ILE A 239 11.94 3.53 -2.85
C ILE A 239 11.78 3.50 -4.33
N THR A 240 12.22 2.41 -4.95
CA THR A 240 12.26 2.34 -6.38
C THR A 240 12.01 0.93 -6.89
N ASP A 241 11.26 0.85 -8.00
CA ASP A 241 11.04 -0.39 -8.73
C ASP A 241 12.12 -0.58 -9.81
N VAL A 242 12.97 0.43 -9.98
CA VAL A 242 14.07 0.40 -10.94
C VAL A 242 15.42 0.62 -10.22
N ALA A 243 16.00 -0.47 -9.73
CA ALA A 243 17.22 -0.44 -8.92
C ALA A 243 18.29 0.50 -9.49
N PRO A 244 19.02 1.21 -8.60
CA PRO A 244 20.13 2.04 -9.07
C PRO A 244 21.33 1.19 -9.50
N THR A 245 22.18 1.77 -10.34
CA THR A 245 23.45 1.15 -10.69
C THR A 245 24.39 1.06 -9.47
N SER A 246 24.60 2.18 -8.80
CA SER A 246 25.53 2.26 -7.68
C SER A 246 25.13 1.36 -6.52
N LYS A 247 26.13 0.66 -5.97
CA LYS A 247 25.90 -0.26 -4.86
C LYS A 247 25.87 0.47 -3.52
N VAL A 248 26.17 1.76 -3.53
CA VAL A 248 26.19 2.57 -2.32
C VAL A 248 24.84 2.65 -1.58
N PHE A 249 23.76 2.79 -2.35
CA PHE A 249 22.42 2.92 -1.77
C PHE A 249 22.12 1.74 -0.85
N ASN A 250 22.43 0.54 -1.31
CA ASN A 250 22.17 -0.65 -0.50
C ASN A 250 23.13 -0.74 0.67
N ASN A 251 24.41 -0.43 0.43
CA ASN A 251 25.40 -0.51 1.50
C ASN A 251 25.12 0.49 2.64
N GLU A 252 24.78 1.73 2.29
CA GLU A 252 24.75 2.81 3.28
C GLU A 252 23.39 3.19 3.80
N PHE A 253 22.35 3.03 3.00
CA PHE A 253 21.06 3.65 3.32
C PHE A 253 19.94 2.69 3.72
N LYS A 254 20.30 1.49 4.20
CA LYS A 254 19.31 0.55 4.70
C LYS A 254 18.45 1.26 5.76
N GLY A 255 17.16 0.93 5.78
CA GLY A 255 16.25 1.59 6.71
C GLY A 255 15.52 2.74 6.07
N ARG A 256 16.11 3.35 5.04
CA ARG A 256 15.45 4.38 4.26
C ARG A 256 15.67 4.25 2.76
N PHE A 257 15.96 3.02 2.31
CA PHE A 257 16.14 2.76 0.88
C PHE A 257 15.68 1.35 0.55
N PHE A 258 14.94 1.21 -0.55
CA PHE A 258 14.57 -0.10 -1.05
C PHE A 258 14.43 -0.12 -2.57
N ALA A 259 14.97 -1.18 -3.16
CA ALA A 259 14.83 -1.46 -4.58
C ALA A 259 14.38 -2.88 -4.78
N THR A 260 13.35 -3.07 -5.60
CA THR A 260 13.00 -4.39 -6.08
C THR A 260 14.19 -4.99 -6.83
N PRO A 261 14.30 -6.33 -6.83
CA PRO A 261 15.42 -6.96 -7.54
C PRO A 261 15.30 -6.80 -9.05
N ILE A 262 14.06 -6.68 -9.50
CA ILE A 262 13.72 -6.65 -10.91
C ILE A 262 12.50 -5.74 -10.99
N LYS A 263 12.35 -5.02 -12.10
CA LYS A 263 11.20 -4.14 -12.28
C LYS A 263 9.90 -4.98 -12.30
N ILE A 264 9.09 -4.87 -11.26
CA ILE A 264 7.86 -5.68 -11.15
C ILE A 264 6.56 -4.90 -11.30
N GLY A 265 6.63 -3.61 -11.62
CA GLY A 265 5.44 -2.77 -11.75
C GLY A 265 4.33 -3.37 -12.60
N ALA A 266 4.74 -4.00 -13.70
CA ALA A 266 3.82 -4.52 -14.71
C ALA A 266 3.59 -6.02 -14.58
N GLU A 267 4.27 -6.65 -13.63
CA GLU A 267 4.17 -8.09 -13.42
C GLU A 267 2.94 -8.48 -12.61
N THR A 268 1.75 -8.31 -13.18
CA THR A 268 0.54 -8.76 -12.49
C THR A 268 -0.32 -9.52 -13.47
N GLU A 269 -1.05 -10.51 -12.95
CA GLU A 269 -1.92 -11.31 -13.81
C GLU A 269 -2.90 -10.42 -14.58
N GLU A 270 -3.37 -9.39 -13.91
CA GLU A 270 -4.28 -8.44 -14.51
C GLU A 270 -3.62 -7.68 -15.64
N SER A 271 -2.39 -7.21 -15.44
CA SER A 271 -1.66 -6.54 -16.51
C SER A 271 -1.58 -7.42 -17.77
N ASN A 272 -1.27 -8.69 -17.58
CA ASN A 272 -1.14 -9.63 -18.71
C ASN A 272 -2.44 -9.95 -19.44
N ILE A 273 -3.53 -10.11 -18.71
CA ILE A 273 -4.84 -10.34 -19.40
C ILE A 273 -5.35 -9.04 -20.02
N ASN A 274 -5.11 -7.90 -19.37
CA ASN A 274 -5.49 -6.61 -19.95
C ASN A 274 -4.83 -6.40 -21.30
N ALA A 275 -3.53 -6.74 -21.35
CA ALA A 275 -2.75 -6.56 -22.56
C ALA A 275 -3.16 -7.54 -23.67
N GLY A 276 -3.22 -8.82 -23.34
CA GLY A 276 -3.68 -9.82 -24.29
C GLY A 276 -5.05 -9.51 -24.88
N MET A 277 -5.99 -9.09 -24.04
CA MET A 277 -7.33 -8.81 -24.52
C MET A 277 -7.41 -7.48 -25.28
N ALA A 278 -6.59 -6.51 -24.89
CA ALA A 278 -6.50 -5.27 -25.64
C ALA A 278 -5.95 -5.57 -27.04
N ALA A 279 -4.97 -6.45 -27.12
CA ALA A 279 -4.40 -6.84 -28.40
C ALA A 279 -5.49 -7.44 -29.30
N ALA A 280 -6.35 -8.28 -28.73
CA ALA A 280 -7.46 -8.86 -29.49
C ALA A 280 -8.42 -7.77 -29.97
N SER A 281 -8.92 -6.94 -29.05
CA SER A 281 -9.84 -5.88 -29.45
C SER A 281 -9.24 -4.92 -30.47
N GLN A 282 -7.94 -4.66 -30.40
CA GLN A 282 -7.32 -3.72 -31.34
C GLN A 282 -7.22 -4.32 -32.74
N ILE A 283 -6.96 -5.62 -32.82
CA ILE A 283 -7.01 -6.36 -34.08
C ILE A 283 -8.42 -6.47 -34.66
N CYS A 284 -9.41 -6.79 -33.83
CA CYS A 284 -10.80 -6.76 -34.25
C CYS A 284 -11.10 -5.43 -34.90
N ASP A 285 -10.73 -4.36 -34.20
CA ASP A 285 -10.97 -3.01 -34.67
C ASP A 285 -10.27 -2.70 -35.98
N PHE A 286 -9.04 -3.15 -36.13
CA PHE A 286 -8.29 -2.87 -37.35
C PHE A 286 -9.02 -3.46 -38.54
N PHE A 287 -9.42 -4.72 -38.45
CA PHE A 287 -10.13 -5.36 -39.57
C PHE A 287 -11.55 -4.84 -39.75
N THR A 288 -12.25 -4.58 -38.65
CA THR A 288 -13.58 -4.01 -38.71
C THR A 288 -13.57 -2.59 -39.30
N ASN A 289 -12.90 -1.66 -38.63
CA ASN A 289 -12.96 -0.23 -39.00
C ASN A 289 -11.67 0.41 -39.55
N GLY A 290 -10.59 -0.36 -39.68
CA GLY A 290 -9.29 0.21 -40.05
C GLY A 290 -8.63 1.06 -38.97
N THR A 291 -9.05 0.90 -37.72
CA THR A 291 -8.50 1.68 -36.61
C THR A 291 -7.03 1.34 -36.39
N VAL A 292 -6.17 2.36 -36.52
CA VAL A 292 -4.73 2.18 -36.39
C VAL A 292 -4.16 3.06 -35.28
N LYS A 293 -5.00 3.36 -34.29
CA LYS A 293 -4.57 3.94 -33.04
C LYS A 293 -3.64 2.93 -32.35
N PHE A 294 -2.55 3.44 -31.80
CA PHE A 294 -1.47 2.65 -31.19
C PHE A 294 -0.53 2.03 -32.21
N GLN A 295 -0.66 2.38 -33.48
CA GLN A 295 0.31 1.93 -34.46
C GLN A 295 1.61 2.63 -34.12
N VAL A 296 2.69 1.87 -34.00
CA VAL A 296 3.99 2.41 -33.60
C VAL A 296 4.97 2.52 -34.76
N ASN A 297 4.58 2.00 -35.91
CA ASN A 297 5.37 2.12 -37.12
C ASN A 297 4.58 2.90 -38.18
N LYS A 298 5.17 3.07 -39.35
CA LYS A 298 4.53 3.80 -40.43
C LYS A 298 5.24 3.44 -41.72
N PHE A 299 4.46 3.35 -42.79
CA PHE A 299 5.02 3.00 -44.10
C PHE A 299 4.24 3.61 -45.25
N LEU A 300 4.89 3.62 -46.42
CA LEU A 300 4.27 4.04 -47.67
C LEU A 300 3.38 2.93 -48.17
N GLU A 301 2.38 3.27 -48.98
CA GLU A 301 1.53 2.26 -49.63
C GLU A 301 1.70 2.31 -51.15
N HIS A 302 2.95 2.42 -51.61
CA HIS A 302 3.29 2.44 -53.05
C HIS A 302 3.04 1.08 -53.68
N MET B 1 -6.88 25.09 36.67
CA MET B 1 -6.52 23.65 36.92
C MET B 1 -5.09 23.32 36.49
N LYS B 2 -4.33 22.70 37.39
CA LYS B 2 -2.99 22.25 37.08
C LYS B 2 -3.02 20.83 36.50
N ILE B 3 -2.50 20.67 35.29
CA ILE B 3 -2.40 19.35 34.64
C ILE B 3 -0.94 18.99 34.43
N VAL B 4 -0.56 17.84 34.95
CA VAL B 4 0.81 17.35 34.83
C VAL B 4 0.86 16.30 33.71
N VAL B 5 1.96 16.29 32.96
CA VAL B 5 2.15 15.38 31.83
C VAL B 5 3.38 14.52 32.06
N ILE B 6 3.13 13.24 32.31
CA ILE B 6 4.15 12.30 32.76
C ILE B 6 4.55 11.36 31.63
N THR B 7 5.75 11.57 31.10
CA THR B 7 6.23 10.82 29.97
C THR B 7 7.73 10.52 30.07
N GLU B 8 8.08 9.29 30.42
CA GLU B 8 9.46 8.81 30.30
C GLU B 8 9.92 8.90 28.84
N LYS B 9 9.06 8.51 27.91
CA LYS B 9 9.32 8.70 26.48
C LYS B 9 8.49 9.91 26.04
N PRO B 10 9.15 11.05 25.81
CA PRO B 10 8.40 12.28 25.53
C PRO B 10 7.58 12.23 24.26
N PHE B 11 6.54 13.06 24.20
CA PHE B 11 5.86 13.34 22.95
C PHE B 11 6.79 14.12 22.03
N ALA B 12 6.51 14.05 20.73
CA ALA B 12 7.18 14.88 19.78
C ALA B 12 6.89 16.34 20.12
N GLU B 13 7.74 17.27 19.67
CA GLU B 13 7.65 18.67 20.12
C GLU B 13 6.35 19.36 19.72
N ASN B 14 5.86 19.08 18.51
CA ASN B 14 4.59 19.62 18.04
C ASN B 14 3.37 19.06 18.78
N ALA B 15 3.48 17.83 19.27
CA ALA B 15 2.42 17.24 20.10
C ALA B 15 2.33 17.98 21.42
N VAL B 16 3.49 18.18 22.04
CA VAL B 16 3.57 19.01 23.25
C VAL B 16 2.94 20.37 22.99
N LYS B 17 3.33 21.00 21.89
CA LYS B 17 2.80 22.32 21.53
C LYS B 17 1.27 22.31 21.51
N GLY B 18 0.69 21.32 20.83
CA GLY B 18 -0.76 21.20 20.71
C GLY B 18 -1.48 20.93 22.02
N ILE B 19 -0.89 20.06 22.84
CA ILE B 19 -1.38 19.83 24.20
C ILE B 19 -1.33 21.11 25.04
N ARG B 20 -0.24 21.87 24.91
CA ARG B 20 -0.13 23.19 25.54
C ARG B 20 -1.24 24.12 25.10
N GLU B 21 -1.48 24.16 23.80
CA GLU B 21 -2.42 25.10 23.24
C GLU B 21 -3.82 24.79 23.74
N ILE B 22 -4.25 23.54 23.57
CA ILE B 22 -5.58 23.12 24.02
C ILE B 22 -5.87 23.46 25.49
N LEU B 23 -4.89 23.23 26.37
CA LEU B 23 -5.11 23.45 27.82
C LEU B 23 -4.92 24.91 28.30
N GLU B 24 -3.93 25.61 27.76
CA GLU B 24 -3.69 27.01 28.14
C GLU B 24 -4.75 27.96 27.58
N LYS B 25 -5.33 27.62 26.43
CA LYS B 25 -6.43 28.41 25.87
C LYS B 25 -7.71 28.33 26.68
N ALA B 26 -7.95 27.20 27.34
CA ALA B 26 -9.08 27.07 28.25
C ALA B 26 -8.71 27.48 29.68
N GLY B 27 -7.52 28.05 29.86
CA GLY B 27 -7.15 28.71 31.10
C GLY B 27 -6.41 27.85 32.09
N HIS B 28 -6.06 26.63 31.71
CA HIS B 28 -5.36 25.72 32.61
C HIS B 28 -3.86 25.85 32.43
N GLU B 29 -3.11 25.19 33.30
CA GLU B 29 -1.65 25.22 33.33
C GLU B 29 -1.10 23.84 33.00
N VAL B 30 -0.01 23.78 32.24
CA VAL B 30 0.56 22.51 31.83
C VAL B 30 1.96 22.35 32.40
N VAL B 31 2.17 21.31 33.19
CA VAL B 31 3.48 21.02 33.75
C VAL B 31 4.01 19.74 33.11
N MET B 32 5.18 19.83 32.48
CA MET B 32 5.76 18.71 31.76
C MET B 32 6.75 17.94 32.62
N ILE B 33 6.66 16.61 32.61
CA ILE B 33 7.62 15.76 33.28
C ILE B 33 8.18 14.75 32.28
N GLU B 34 9.23 15.15 31.57
CA GLU B 34 9.77 14.39 30.46
C GLU B 34 11.14 13.81 30.77
N LYS B 35 11.36 12.58 30.32
CA LYS B 35 12.65 11.87 30.46
C LYS B 35 12.96 11.51 31.91
N TYR B 36 11.99 11.67 32.81
CA TYR B 36 12.26 11.64 34.24
C TYR B 36 12.91 10.35 34.69
N LYS B 37 13.72 10.44 35.74
CA LYS B 37 14.34 9.28 36.34
C LYS B 37 13.80 9.07 37.75
N LYS B 38 13.92 7.83 38.22
CA LYS B 38 13.45 7.44 39.55
C LYS B 38 11.91 7.40 39.58
N LYS B 39 11.29 8.29 40.37
CA LYS B 39 9.90 8.15 40.78
C LYS B 39 9.57 9.23 41.79
N GLU B 40 10.56 9.61 42.60
CA GLU B 40 10.51 10.86 43.34
C GLU B 40 10.09 12.02 42.43
N ASP B 41 10.70 12.09 41.25
CA ASP B 41 10.46 13.18 40.30
C ASP B 41 8.97 13.35 40.05
N VAL B 42 8.29 12.21 39.89
CA VAL B 42 6.85 12.18 39.63
C VAL B 42 6.05 12.45 40.91
N ILE B 43 6.45 11.80 42.00
CA ILE B 43 5.74 11.93 43.28
C ILE B 43 5.76 13.37 43.79
N GLU B 44 6.94 13.99 43.80
CA GLU B 44 7.04 15.37 44.28
C GLU B 44 6.17 16.26 43.40
N ARG B 45 6.31 16.10 42.09
CA ARG B 45 5.63 16.98 41.15
C ARG B 45 4.11 16.74 41.03
N ILE B 46 3.64 15.51 41.27
CA ILE B 46 2.21 15.22 41.13
C ILE B 46 1.32 15.74 42.29
N LYS B 47 1.92 16.07 43.43
CA LYS B 47 1.17 16.49 44.62
C LYS B 47 0.09 17.54 44.33
N ASP B 48 0.50 18.59 43.61
CA ASP B 48 -0.36 19.73 43.30
C ASP B 48 -1.19 19.56 42.01
N ALA B 49 -1.24 18.34 41.48
CA ALA B 49 -1.88 18.09 40.20
C ALA B 49 -3.40 17.89 40.30
N ASP B 50 -4.14 18.52 39.40
CA ASP B 50 -5.58 18.27 39.24
C ASP B 50 -5.89 17.20 38.20
N GLY B 51 -4.97 17.00 37.25
CA GLY B 51 -5.15 15.99 36.21
C GLY B 51 -3.83 15.50 35.68
N VAL B 52 -3.85 14.40 34.94
CA VAL B 52 -2.64 13.77 34.43
C VAL B 52 -2.83 13.23 33.02
N ILE B 53 -1.82 13.43 32.18
CA ILE B 53 -1.77 12.76 30.89
C ILE B 53 -0.53 11.90 30.90
N VAL B 54 -0.68 10.64 30.53
CA VAL B 54 0.42 9.68 30.52
C VAL B 54 0.37 8.85 29.26
N ARG B 55 1.48 8.19 28.98
CA ARG B 55 1.58 7.27 27.86
C ARG B 55 1.66 5.88 28.49
N SER B 56 2.72 5.14 28.23
CA SER B 56 2.86 3.80 28.80
C SER B 56 3.44 3.77 30.23
N ASP B 57 3.71 4.95 30.79
CA ASP B 57 4.30 5.06 32.13
C ASP B 57 3.51 4.29 33.17
N LYS B 58 4.22 3.65 34.09
CA LYS B 58 3.59 2.97 35.20
C LYS B 58 3.11 4.01 36.19
N ILE B 59 1.81 3.97 36.47
CA ILE B 59 1.21 4.83 37.49
C ILE B 59 0.61 3.92 38.54
N ASP B 60 1.38 3.69 39.60
CA ASP B 60 0.99 2.75 40.65
C ASP B 60 0.32 3.47 41.81
N GLU B 61 -0.08 2.70 42.82
CA GLU B 61 -0.80 3.22 43.97
C GLU B 61 -0.07 4.39 44.62
N GLU B 62 1.23 4.23 44.82
CA GLU B 62 2.00 5.25 45.55
C GLU B 62 1.85 6.60 44.86
N ILE B 63 2.01 6.60 43.54
CA ILE B 63 1.87 7.84 42.77
C ILE B 63 0.44 8.37 42.87
N ILE B 64 -0.53 7.46 42.79
CA ILE B 64 -1.93 7.86 42.81
C ILE B 64 -2.33 8.46 44.16
N LYS B 65 -1.77 7.92 45.24
CA LYS B 65 -2.00 8.47 46.58
C LYS B 65 -1.32 9.83 46.78
N ALA B 66 -0.14 10.01 46.18
CA ALA B 66 0.52 11.31 46.20
C ALA B 66 -0.35 12.40 45.58
N GLY B 67 -1.13 12.03 44.55
CA GLY B 67 -2.04 12.97 43.90
C GLY B 67 -3.38 13.01 44.60
N GLU B 68 -3.41 13.63 45.77
CA GLU B 68 -4.62 13.69 46.59
C GLU B 68 -5.77 14.39 45.89
N LYS B 69 -5.48 15.48 45.19
CA LYS B 69 -6.55 16.24 44.51
C LYS B 69 -6.61 16.05 42.99
N VAL B 70 -5.85 15.06 42.49
CA VAL B 70 -5.97 14.63 41.10
C VAL B 70 -7.37 14.08 40.87
N LYS B 71 -8.06 14.59 39.85
CA LYS B 71 -9.43 14.17 39.54
C LYS B 71 -9.51 13.30 38.27
N ILE B 72 -8.49 13.33 37.44
CA ILE B 72 -8.56 12.64 36.15
C ILE B 72 -7.17 12.32 35.60
N ILE B 73 -7.01 11.09 35.14
CA ILE B 73 -5.81 10.67 34.43
C ILE B 73 -6.23 10.18 33.06
N VAL B 74 -5.60 10.70 32.00
CA VAL B 74 -5.88 10.22 30.66
C VAL B 74 -4.65 9.57 30.06
N ARG B 75 -4.81 8.31 29.68
CA ARG B 75 -3.81 7.58 28.93
C ARG B 75 -3.95 7.92 27.44
N ALA B 76 -2.91 8.57 26.90
CA ALA B 76 -2.84 8.83 25.50
C ALA B 76 -2.45 7.55 24.80
N GLY B 77 -3.45 6.79 24.38
CA GLY B 77 -3.24 5.51 23.73
C GLY B 77 -4.46 4.63 23.90
N ALA B 78 -4.29 3.35 23.65
CA ALA B 78 -5.39 2.37 23.71
C ALA B 78 -5.40 1.67 25.06
N GLY B 79 -4.28 1.05 25.40
CA GLY B 79 -4.17 0.27 26.62
C GLY B 79 -4.14 1.17 27.84
N TYR B 80 -4.33 0.57 29.00
CA TYR B 80 -4.21 1.30 30.26
C TYR B 80 -3.89 0.43 31.47
N ASP B 81 -3.31 -0.76 31.23
CA ASP B 81 -2.96 -1.62 32.36
C ASP B 81 -1.78 -1.06 33.16
N ASN B 82 -0.99 -0.19 32.52
CA ASN B 82 0.07 0.55 33.20
C ASN B 82 -0.43 1.40 34.36
N ILE B 83 -1.72 1.69 34.37
CA ILE B 83 -2.36 2.41 35.46
C ILE B 83 -3.09 1.45 36.41
N ASP B 84 -2.85 1.63 37.71
CA ASP B 84 -3.55 0.88 38.75
C ASP B 84 -4.96 1.43 38.89
N ILE B 85 -5.90 0.72 38.28
CA ILE B 85 -7.30 1.14 38.22
C ILE B 85 -7.98 1.07 39.60
N GLU B 86 -7.65 0.05 40.39
CA GLU B 86 -8.21 -0.14 41.74
C GLU B 86 -7.89 1.07 42.60
N ALA B 87 -6.62 1.46 42.62
CA ALA B 87 -6.19 2.63 43.38
C ALA B 87 -6.88 3.93 42.91
N CYS B 88 -7.13 4.05 41.60
CA CYS B 88 -7.88 5.20 41.06
C CYS B 88 -9.37 5.20 41.46
N ASN B 89 -9.97 4.02 41.58
CA ASN B 89 -11.34 3.89 42.08
C ASN B 89 -11.42 4.27 43.54
N GLN B 90 -10.57 3.65 44.36
CA GLN B 90 -10.42 4.04 45.76
C GLN B 90 -10.33 5.56 45.86
N GLY B 91 -9.53 6.18 44.99
CA GLY B 91 -9.32 7.64 44.99
C GLY B 91 -10.38 8.52 44.31
N LYS B 92 -11.42 7.92 43.75
CA LYS B 92 -12.43 8.66 42.99
C LYS B 92 -11.76 9.50 41.90
N ILE B 93 -10.98 8.81 41.07
CA ILE B 93 -10.25 9.41 39.98
C ILE B 93 -10.79 8.81 38.70
N VAL B 94 -11.24 9.66 37.79
CA VAL B 94 -11.68 9.24 36.48
C VAL B 94 -10.46 8.84 35.63
N VAL B 95 -10.55 7.67 35.00
CA VAL B 95 -9.50 7.18 34.10
C VAL B 95 -10.03 6.99 32.69
N MET B 96 -9.35 7.61 31.72
CA MET B 96 -9.69 7.49 30.31
C MET B 96 -8.49 7.04 29.52
N ASN B 97 -8.78 6.43 28.38
CA ASN B 97 -7.83 6.26 27.31
C ASN B 97 -8.25 7.20 26.19
N THR B 98 -7.65 7.09 25.00
CA THR B 98 -8.07 7.85 23.83
C THR B 98 -8.25 6.86 22.70
N PRO B 99 -9.45 6.27 22.60
CA PRO B 99 -9.71 5.29 21.54
C PRO B 99 -9.84 5.94 20.18
N GLY B 100 -9.47 5.20 19.14
CA GLY B 100 -9.67 5.64 17.74
C GLY B 100 -8.62 6.58 17.16
N GLN B 101 -7.55 6.80 17.91
CA GLN B 101 -6.52 7.75 17.50
C GLN B 101 -5.41 7.12 16.66
N ASN B 102 -5.36 5.79 16.63
CA ASN B 102 -4.36 5.08 15.86
C ASN B 102 -4.96 4.39 14.63
N ARG B 103 -6.21 4.69 14.33
CA ARG B 103 -6.96 3.92 13.34
C ARG B 103 -6.36 4.00 11.94
N ASN B 104 -5.94 5.19 11.53
CA ASN B 104 -5.41 5.35 10.20
C ASN B 104 -4.04 4.68 10.07
N GLY B 105 -3.27 4.70 11.16
CA GLY B 105 -1.98 4.04 11.17
C GLY B 105 -2.16 2.56 10.89
N VAL B 106 -3.10 1.93 11.57
CA VAL B 106 -3.30 0.48 11.41
C VAL B 106 -3.89 0.19 10.03
N ALA B 107 -4.88 0.98 9.61
CA ALA B 107 -5.53 0.81 8.30
C ALA B 107 -4.56 0.92 7.12
N GLU B 108 -3.71 1.94 7.13
CA GLU B 108 -2.68 2.08 6.10
C GLU B 108 -1.69 0.93 6.16
N LEU B 109 -1.37 0.47 7.34
CA LEU B 109 -0.47 -0.68 7.43
C LEU B 109 -1.15 -1.89 6.80
N CYS B 110 -2.46 -2.02 7.00
CA CYS B 110 -3.20 -3.14 6.47
C CYS B 110 -3.20 -3.15 4.94
N ILE B 111 -3.47 -2.00 4.32
CA ILE B 111 -3.50 -1.90 2.85
C ILE B 111 -2.11 -2.11 2.28
N GLY B 112 -1.12 -1.53 2.93
CA GLY B 112 0.27 -1.72 2.54
C GLY B 112 0.68 -3.17 2.56
N MET B 113 0.29 -3.87 3.61
CA MET B 113 0.55 -5.30 3.76
C MET B 113 -0.20 -6.13 2.74
N MET B 114 -1.40 -5.68 2.38
CA MET B 114 -2.15 -6.35 1.34
C MET B 114 -1.48 -6.24 -0.02
N ILE B 115 -1.00 -5.05 -0.34
CA ILE B 115 -0.30 -4.87 -1.62
C ILE B 115 0.98 -5.71 -1.58
N PHE B 116 1.78 -5.51 -0.54
CA PHE B 116 2.97 -6.34 -0.26
C PHE B 116 2.69 -7.84 -0.46
N GLY B 117 1.73 -8.38 0.27
CA GLY B 117 1.35 -9.80 0.12
C GLY B 117 1.06 -10.15 -1.32
N PHE B 118 0.26 -9.32 -1.99
CA PHE B 118 -0.13 -9.59 -3.39
C PHE B 118 1.02 -9.46 -4.39
N ARG B 119 2.11 -8.79 -3.99
CA ARG B 119 3.24 -8.58 -4.87
C ARG B 119 4.52 -9.28 -4.34
N LYS B 120 4.30 -10.40 -3.67
CA LYS B 120 5.37 -11.32 -3.30
C LYS B 120 6.45 -10.66 -2.46
N GLY B 121 6.03 -9.76 -1.58
CA GLY B 121 6.96 -9.04 -0.75
C GLY B 121 7.90 -8.15 -1.55
N PHE B 122 7.44 -7.72 -2.72
CA PHE B 122 8.23 -6.89 -3.61
C PHE B 122 9.42 -7.63 -4.20
N LYS B 123 9.26 -8.94 -4.38
CA LYS B 123 10.28 -9.78 -4.98
C LYS B 123 9.77 -10.24 -6.33
N GLU B 124 10.61 -10.99 -7.03
CA GLU B 124 10.28 -11.47 -8.35
C GLU B 124 9.11 -12.45 -8.28
N GLY B 125 8.25 -12.41 -9.30
CA GLY B 125 7.14 -13.35 -9.44
C GLY B 125 5.83 -12.70 -9.87
N LYS B 126 4.80 -13.52 -10.02
CA LYS B 126 3.54 -13.08 -10.60
C LYS B 126 2.66 -12.46 -9.54
N GLY B 127 2.46 -11.14 -9.63
CA GLY B 127 1.65 -10.41 -8.65
C GLY B 127 0.18 -10.36 -8.99
N ARG B 128 -0.60 -9.78 -8.09
CA ARG B 128 -2.01 -9.51 -8.30
C ARG B 128 -2.33 -8.10 -7.82
N GLU B 129 -3.55 -7.65 -8.11
CA GLU B 129 -3.98 -6.28 -7.82
C GLU B 129 -5.21 -6.29 -6.91
N LEU B 130 -5.28 -5.31 -6.01
CA LEU B 130 -6.42 -5.19 -5.12
C LEU B 130 -7.65 -4.61 -5.84
N LYS B 131 -7.42 -3.75 -6.82
CA LYS B 131 -8.50 -3.14 -7.57
C LYS B 131 -9.42 -4.21 -8.15
N ASP B 132 -10.71 -4.03 -7.94
CA ASP B 132 -11.78 -4.92 -8.38
C ASP B 132 -11.92 -6.26 -7.61
N LYS B 133 -11.06 -6.51 -6.62
CA LYS B 133 -11.22 -7.70 -5.80
C LYS B 133 -12.19 -7.37 -4.70
N THR B 134 -12.76 -8.40 -4.09
CA THR B 134 -13.71 -8.19 -3.01
C THR B 134 -13.00 -8.41 -1.68
N LEU B 135 -13.09 -7.41 -0.82
CA LEU B 135 -12.48 -7.43 0.50
C LEU B 135 -13.54 -7.73 1.54
N GLY B 136 -13.25 -8.72 2.37
CA GLY B 136 -14.13 -9.06 3.47
C GLY B 136 -13.54 -8.52 4.75
N ILE B 137 -14.16 -7.48 5.30
CA ILE B 137 -13.70 -6.85 6.51
C ILE B 137 -14.36 -7.50 7.71
N CYS B 138 -13.55 -8.07 8.60
CA CYS B 138 -14.02 -8.70 9.82
C CYS B 138 -13.81 -7.80 11.02
N GLY B 139 -14.88 -7.11 11.40
CA GLY B 139 -14.81 -6.10 12.45
C GLY B 139 -14.91 -4.76 11.79
N CYS B 140 -15.89 -3.96 12.19
CA CYS B 140 -16.14 -2.70 11.51
C CYS B 140 -16.26 -1.65 12.60
N GLY B 141 -15.26 -1.67 13.50
CA GLY B 141 -15.04 -0.58 14.43
C GLY B 141 -14.08 0.44 13.81
N TYR B 142 -13.29 1.12 14.64
CA TYR B 142 -12.46 2.25 14.20
C TYR B 142 -11.57 1.88 13.02
N VAL B 143 -10.81 0.80 13.21
CA VAL B 143 -9.89 0.29 12.20
C VAL B 143 -10.65 -0.20 10.96
N GLY B 144 -11.69 -0.99 11.22
CA GLY B 144 -12.48 -1.59 10.16
C GLY B 144 -13.06 -0.58 9.20
N LYS B 145 -13.64 0.50 9.73
CA LYS B 145 -14.28 1.50 8.90
C LYS B 145 -13.29 2.29 8.06
N ARG B 146 -12.12 2.55 8.62
CA ARG B 146 -11.10 3.29 7.90
C ARG B 146 -10.52 2.42 6.79
N VAL B 147 -10.36 1.13 7.06
CA VAL B 147 -9.91 0.19 6.03
C VAL B 147 -10.92 0.13 4.88
N LYS B 148 -12.21 0.15 5.24
CA LYS B 148 -13.27 0.26 4.24
C LYS B 148 -13.10 1.48 3.34
N GLU B 149 -12.83 2.63 3.94
CA GLU B 149 -12.67 3.87 3.16
C GLU B 149 -11.46 3.80 2.23
N ILE B 150 -10.34 3.31 2.72
CA ILE B 150 -9.13 3.23 1.89
C ILE B 150 -9.30 2.20 0.79
N ALA B 151 -9.81 1.03 1.15
CA ALA B 151 -10.03 -0.05 0.20
C ALA B 151 -11.02 0.37 -0.87
N GLU B 152 -12.07 1.09 -0.50
CA GLU B 152 -12.96 1.66 -1.53
C GLU B 152 -12.20 2.63 -2.43
N GLY B 153 -11.41 3.52 -1.85
CA GLY B 153 -10.67 4.52 -2.61
C GLY B 153 -9.79 3.96 -3.70
N ILE B 154 -9.29 2.75 -3.47
CA ILE B 154 -8.40 2.10 -4.42
C ILE B 154 -9.11 1.02 -5.25
N GLY B 155 -10.43 0.95 -5.17
CA GLY B 155 -11.23 0.18 -6.12
C GLY B 155 -11.60 -1.24 -5.72
N MET B 156 -11.51 -1.57 -4.44
CA MET B 156 -11.95 -2.86 -3.96
C MET B 156 -13.45 -2.83 -3.68
N LYS B 157 -14.09 -3.99 -3.86
CA LYS B 157 -15.48 -4.17 -3.48
C LYS B 157 -15.49 -4.64 -2.02
N ILE B 158 -16.51 -4.23 -1.27
CA ILE B 158 -16.51 -4.42 0.16
C ILE B 158 -17.67 -5.28 0.63
N LYS B 159 -17.35 -6.23 1.50
CA LYS B 159 -18.33 -6.91 2.32
C LYS B 159 -17.81 -6.96 3.74
N VAL B 160 -18.72 -6.89 4.71
CA VAL B 160 -18.33 -6.74 6.09
C VAL B 160 -19.03 -7.73 7.00
N TYR B 161 -18.34 -8.08 8.08
CA TYR B 161 -18.90 -8.93 9.12
C TYR B 161 -18.48 -8.32 10.45
N ASP B 162 -19.41 -8.28 11.39
CA ASP B 162 -19.15 -7.80 12.74
C ASP B 162 -20.36 -8.13 13.60
N PRO B 163 -20.25 -9.13 14.48
CA PRO B 163 -21.40 -9.56 15.29
C PRO B 163 -21.74 -8.60 16.42
N PHE B 164 -20.88 -7.61 16.66
CA PHE B 164 -21.08 -6.65 17.74
C PHE B 164 -21.84 -5.41 17.32
N ILE B 165 -21.47 -4.81 16.19
CA ILE B 165 -22.15 -3.62 15.73
C ILE B 165 -23.04 -3.95 14.54
N THR B 166 -24.15 -3.22 14.45
CA THR B 166 -25.07 -3.30 13.33
C THR B 166 -24.67 -2.23 12.34
N THR B 167 -24.48 -2.63 11.08
CA THR B 167 -24.13 -1.72 9.98
C THR B 167 -25.00 -2.07 8.80
N GLU B 168 -25.04 -1.21 7.80
CA GLU B 168 -26.06 -1.30 6.75
C GLU B 168 -26.18 -2.63 5.99
N ASN B 169 -25.07 -3.25 5.59
CA ASN B 169 -25.11 -4.41 4.67
C ASN B 169 -24.44 -5.71 5.18
N GLN B 170 -24.18 -5.79 6.48
CA GLN B 170 -23.33 -6.86 7.01
C GLN B 170 -23.86 -8.24 6.66
N VAL B 171 -22.96 -9.19 6.49
CA VAL B 171 -23.34 -10.58 6.33
C VAL B 171 -23.56 -11.20 7.70
N LYS B 172 -24.41 -12.21 7.76
CA LYS B 172 -24.84 -12.79 9.01
C LYS B 172 -23.74 -13.66 9.62
N LYS B 173 -23.09 -14.46 8.78
CA LYS B 173 -22.12 -15.43 9.25
C LYS B 173 -20.79 -15.24 8.53
N ILE B 174 -19.69 -15.27 9.28
CA ILE B 174 -18.33 -15.19 8.70
C ILE B 174 -18.13 -16.13 7.52
N GLU B 175 -18.74 -17.31 7.57
CA GLU B 175 -18.57 -18.26 6.48
C GLU B 175 -18.88 -17.62 5.15
N GLU B 176 -19.88 -16.73 5.12
CA GLU B 176 -20.26 -16.04 3.90
C GLU B 176 -19.15 -15.11 3.41
N LEU B 177 -18.46 -14.41 4.32
CA LEU B 177 -17.33 -13.56 3.91
C LEU B 177 -16.24 -14.38 3.28
N PHE B 178 -15.89 -15.49 3.93
CA PHE B 178 -14.79 -16.33 3.43
C PHE B 178 -15.13 -17.05 2.14
N GLU B 179 -16.40 -17.23 1.85
CA GLU B 179 -16.82 -17.83 0.58
C GLU B 179 -16.81 -16.80 -0.54
N GLU B 180 -17.22 -15.57 -0.22
CA GLU B 180 -17.49 -14.57 -1.24
C GLU B 180 -16.45 -13.47 -1.41
N CYS B 181 -15.34 -13.53 -0.65
CA CYS B 181 -14.28 -12.51 -0.76
C CYS B 181 -12.91 -13.10 -1.12
N GLN B 182 -12.15 -12.39 -1.96
CA GLN B 182 -10.80 -12.83 -2.32
C GLN B 182 -9.83 -12.49 -1.20
N VAL B 183 -10.11 -11.40 -0.50
CA VAL B 183 -9.22 -10.91 0.54
C VAL B 183 -10.01 -10.67 1.82
N ILE B 184 -9.42 -11.10 2.94
CA ILE B 184 -10.02 -10.94 4.26
C ILE B 184 -9.10 -10.09 5.12
N SER B 185 -9.69 -9.09 5.80
CA SER B 185 -8.92 -8.33 6.77
C SER B 185 -9.53 -8.50 8.14
N LEU B 186 -8.69 -8.77 9.14
CA LEU B 186 -9.13 -9.09 10.50
C LEU B 186 -8.86 -7.95 11.47
N HIS B 187 -9.95 -7.39 12.03
CA HIS B 187 -9.90 -6.32 13.02
C HIS B 187 -10.90 -6.58 14.15
N LEU B 188 -10.84 -7.80 14.68
CA LEU B 188 -11.77 -8.28 15.69
C LEU B 188 -11.08 -8.34 17.04
N PRO B 189 -11.79 -7.95 18.11
CA PRO B 189 -11.23 -8.12 19.46
C PRO B 189 -11.11 -9.59 19.83
N LEU B 190 -10.12 -9.93 20.66
CA LEU B 190 -9.92 -11.30 21.15
C LEU B 190 -10.91 -11.56 22.27
N THR B 191 -11.73 -12.59 22.08
CA THR B 191 -12.94 -12.82 22.86
C THR B 191 -13.20 -14.32 22.89
N LYS B 192 -13.91 -14.82 23.90
CA LYS B 192 -14.24 -16.27 23.97
C LYS B 192 -14.76 -16.81 22.64
N GLU B 193 -15.59 -16.01 21.98
CA GLU B 193 -16.15 -16.32 20.68
C GLU B 193 -15.13 -16.23 19.54
N THR B 194 -14.30 -15.19 19.54
CA THR B 194 -13.34 -14.99 18.45
C THR B 194 -12.06 -15.80 18.62
N LYS B 195 -11.81 -16.33 19.81
CA LYS B 195 -10.57 -17.05 20.07
C LYS B 195 -10.50 -18.28 19.16
N GLY B 196 -9.44 -18.37 18.37
CA GLY B 196 -9.21 -19.48 17.44
C GLY B 196 -10.27 -19.69 16.38
N LYS B 197 -11.04 -18.64 16.08
CA LYS B 197 -12.20 -18.75 15.20
C LYS B 197 -11.78 -18.92 13.74
N ILE B 198 -10.65 -18.31 13.38
CA ILE B 198 -10.21 -18.37 12.00
C ILE B 198 -9.33 -19.59 11.87
N GLY B 199 -9.95 -20.65 11.38
CA GLY B 199 -9.32 -21.96 11.33
C GLY B 199 -9.56 -22.68 10.03
N TYR B 200 -9.19 -23.95 10.03
CA TYR B 200 -9.16 -24.77 8.82
C TYR B 200 -10.43 -24.66 7.99
N GLU B 201 -11.56 -25.05 8.57
CA GLU B 201 -12.84 -25.11 7.83
C GLU B 201 -13.25 -23.78 7.24
N LEU B 202 -12.97 -22.70 7.95
CA LEU B 202 -13.35 -21.40 7.50
C LEU B 202 -12.43 -20.90 6.39
N ILE B 203 -11.13 -21.07 6.60
CA ILE B 203 -10.12 -20.59 5.67
C ILE B 203 -10.22 -21.32 4.36
N LYS B 204 -10.37 -22.65 4.43
CA LYS B 204 -10.48 -23.50 3.23
C LYS B 204 -11.47 -22.98 2.18
N LYS B 205 -12.48 -22.23 2.61
CA LYS B 205 -13.52 -21.74 1.71
C LYS B 205 -13.10 -20.57 0.81
N LEU B 206 -11.91 -20.01 1.05
CA LEU B 206 -11.44 -18.89 0.24
C LEU B 206 -11.23 -19.32 -1.20
N PRO B 207 -11.47 -18.39 -2.15
CA PRO B 207 -11.20 -18.70 -3.54
C PRO B 207 -9.71 -18.77 -3.83
N TYR B 208 -9.35 -19.21 -5.03
CA TYR B 208 -7.94 -19.33 -5.39
C TYR B 208 -7.24 -17.98 -5.26
N GLY B 209 -6.03 -18.02 -4.71
CA GLY B 209 -5.23 -16.82 -4.45
C GLY B 209 -5.73 -16.02 -3.26
N GLY B 210 -6.47 -16.68 -2.37
CA GLY B 210 -6.99 -16.06 -1.16
C GLY B 210 -5.90 -15.44 -0.29
N MET B 211 -6.24 -14.33 0.37
CA MET B 211 -5.29 -13.62 1.22
C MET B 211 -5.98 -13.16 2.49
N ILE B 212 -5.29 -13.38 3.61
CA ILE B 212 -5.78 -12.96 4.92
C ILE B 212 -4.74 -12.00 5.50
N CYS B 213 -5.22 -10.85 5.94
CA CYS B 213 -4.37 -9.85 6.59
C CYS B 213 -4.93 -9.61 7.99
N ASN B 214 -4.10 -9.86 8.99
CA ASN B 214 -4.49 -9.73 10.37
C ASN B 214 -3.72 -8.55 10.98
N THR B 215 -4.43 -7.55 11.49
CA THR B 215 -3.81 -6.49 12.29
C THR B 215 -4.29 -6.44 13.73
N ALA B 216 -5.02 -7.46 14.19
CA ALA B 216 -5.65 -7.43 15.53
C ALA B 216 -4.85 -8.22 16.57
N ARG B 217 -5.15 -9.52 16.70
CA ARG B 217 -4.49 -10.39 17.69
C ARG B 217 -4.15 -11.74 17.08
N LYS B 218 -3.02 -12.30 17.49
CA LYS B 218 -2.61 -13.62 17.00
C LYS B 218 -3.55 -14.75 17.39
N GLU B 219 -4.31 -14.56 18.47
CA GLU B 219 -5.08 -15.62 19.10
C GLU B 219 -6.41 -15.95 18.43
N ILE B 220 -6.88 -15.07 17.55
CA ILE B 220 -8.12 -15.34 16.80
C ILE B 220 -7.90 -16.34 15.68
N ILE B 221 -6.64 -16.63 15.40
CA ILE B 221 -6.24 -17.64 14.44
C ILE B 221 -6.11 -18.99 15.13
N ASP B 222 -6.60 -20.04 14.48
CA ASP B 222 -6.25 -21.41 14.85
C ASP B 222 -5.00 -21.75 14.06
N GLU B 223 -3.87 -21.69 14.74
CA GLU B 223 -2.58 -21.78 14.08
C GLU B 223 -2.38 -23.12 13.39
N GLU B 224 -2.83 -24.20 14.03
CA GLU B 224 -2.68 -25.53 13.47
C GLU B 224 -3.59 -25.65 12.24
N GLY B 225 -4.79 -25.10 12.35
CA GLY B 225 -5.72 -25.04 11.22
C GLY B 225 -5.18 -24.26 10.03
N LEU B 226 -4.70 -23.04 10.29
CA LEU B 226 -4.09 -22.23 9.25
C LEU B 226 -2.89 -22.96 8.67
N ILE B 227 -2.12 -23.62 9.51
CA ILE B 227 -0.95 -24.37 9.04
C ILE B 227 -1.35 -25.50 8.10
N ARG B 228 -2.31 -26.30 8.53
CA ARG B 228 -2.80 -27.42 7.74
C ARG B 228 -3.26 -26.98 6.37
N ILE B 229 -4.07 -25.92 6.32
CA ILE B 229 -4.69 -25.46 5.06
C ILE B 229 -3.68 -24.80 4.11
N MET B 230 -2.73 -24.06 4.65
CA MET B 230 -1.68 -23.47 3.82
C MET B 230 -0.78 -24.55 3.20
N ARG B 231 -0.56 -25.66 3.90
CA ARG B 231 0.18 -26.79 3.31
C ARG B 231 -0.60 -27.43 2.16
N GLU B 232 -1.93 -27.51 2.30
CA GLU B 232 -2.77 -28.02 1.23
C GLU B 232 -2.99 -26.98 0.13
N ARG B 233 -3.23 -25.73 0.52
CA ARG B 233 -3.51 -24.66 -0.44
C ARG B 233 -2.31 -23.73 -0.55
N GLU B 234 -1.43 -24.03 -1.51
CA GLU B 234 -0.20 -23.25 -1.72
C GLU B 234 -0.47 -21.86 -2.26
N ASP B 235 -1.67 -21.64 -2.77
CA ASP B 235 -2.08 -20.35 -3.30
C ASP B 235 -2.40 -19.31 -2.22
N LEU B 236 -2.71 -19.76 -1.01
CA LEU B 236 -3.14 -18.87 0.06
C LEU B 236 -1.99 -18.09 0.67
N ILE B 237 -2.30 -16.82 1.03
CA ILE B 237 -1.32 -15.84 1.53
C ILE B 237 -1.76 -15.37 2.91
N TYR B 238 -0.82 -15.24 3.85
CA TYR B 238 -1.14 -14.73 5.17
C TYR B 238 -0.15 -13.65 5.60
N ILE B 239 -0.66 -12.44 5.84
CA ILE B 239 0.18 -11.31 6.22
C ILE B 239 -0.36 -10.81 7.53
N THR B 240 0.52 -10.55 8.50
CA THR B 240 0.06 -10.17 9.81
C THR B 240 0.98 -9.21 10.50
N ASP B 241 0.40 -8.24 11.22
CA ASP B 241 1.13 -7.33 12.09
C ASP B 241 1.33 -7.94 13.48
N VAL B 242 0.63 -9.06 13.72
CA VAL B 242 0.72 -9.79 14.98
C VAL B 242 1.27 -11.22 14.76
N ALA B 243 2.58 -11.34 14.77
CA ALA B 243 3.26 -12.59 14.41
C ALA B 243 2.69 -13.79 15.15
N PRO B 244 2.65 -14.95 14.48
CA PRO B 244 2.16 -16.16 15.14
C PRO B 244 3.20 -16.74 16.10
N THR B 245 2.72 -17.51 17.07
CA THR B 245 3.56 -18.27 17.97
C THR B 245 4.43 -19.31 17.21
N SER B 246 3.81 -20.13 16.37
CA SER B 246 4.54 -21.24 15.72
C SER B 246 5.58 -20.80 14.71
N LYS B 247 6.73 -21.47 14.75
CA LYS B 247 7.83 -21.24 13.81
C LYS B 247 7.51 -21.70 12.39
N VAL B 248 6.56 -22.62 12.24
CA VAL B 248 6.28 -23.24 10.93
C VAL B 248 6.06 -22.25 9.78
N PHE B 249 5.29 -21.19 10.04
CA PHE B 249 4.94 -20.23 9.00
C PHE B 249 6.18 -19.65 8.35
N ASN B 250 7.14 -19.23 9.16
CA ASN B 250 8.37 -18.68 8.63
C ASN B 250 9.25 -19.74 7.96
N ASN B 251 9.29 -20.94 8.54
CA ASN B 251 10.11 -22.02 7.99
C ASN B 251 9.61 -22.46 6.62
N GLU B 252 8.29 -22.65 6.49
CA GLU B 252 7.71 -23.31 5.31
C GLU B 252 7.06 -22.41 4.28
N PHE B 253 6.50 -21.30 4.69
CA PHE B 253 5.61 -20.55 3.79
C PHE B 253 6.19 -19.26 3.23
N LYS B 254 7.52 -19.10 3.24
CA LYS B 254 8.14 -17.90 2.66
C LYS B 254 7.61 -17.69 1.25
N GLY B 255 7.42 -16.44 0.87
CA GLY B 255 6.82 -16.13 -0.43
C GLY B 255 5.30 -16.02 -0.38
N ARG B 256 4.67 -16.55 0.66
CA ARG B 256 3.24 -16.37 0.91
C ARG B 256 2.92 -16.13 2.39
N PHE B 257 3.88 -15.64 3.15
CA PHE B 257 3.68 -15.34 4.56
C PHE B 257 4.60 -14.21 4.98
N PHE B 258 4.08 -13.25 5.74
CA PHE B 258 4.92 -12.23 6.36
C PHE B 258 4.36 -11.82 7.70
N ALA B 259 5.24 -11.65 8.69
CA ALA B 259 4.87 -11.07 9.96
C ALA B 259 5.87 -10.00 10.31
N THR B 260 5.38 -8.83 10.72
CA THR B 260 6.25 -7.82 11.29
C THR B 260 6.91 -8.35 12.54
N PRO B 261 8.11 -7.85 12.88
CA PRO B 261 8.81 -8.36 14.07
C PRO B 261 8.11 -7.98 15.36
N ILE B 262 7.42 -6.84 15.35
CA ILE B 262 6.51 -6.47 16.43
C ILE B 262 5.31 -5.73 15.84
N LYS B 263 4.30 -5.53 16.67
CA LYS B 263 3.09 -4.85 16.27
C LYS B 263 3.39 -3.37 16.02
N ILE B 264 3.45 -2.98 14.75
CA ILE B 264 3.78 -1.60 14.39
C ILE B 264 2.58 -0.82 13.86
N GLY B 265 1.38 -1.40 13.92
CA GLY B 265 0.18 -0.76 13.39
C GLY B 265 -0.03 0.65 13.93
N ALA B 266 0.23 0.82 15.22
CA ALA B 266 0.00 2.07 15.92
C ALA B 266 1.24 2.93 16.04
N GLU B 267 2.38 2.42 15.56
CA GLU B 267 3.65 3.15 15.62
C GLU B 267 3.79 4.15 14.48
N THR B 268 3.06 5.25 14.56
CA THR B 268 3.25 6.34 13.63
C THR B 268 3.24 7.64 14.39
N GLU B 269 4.01 8.61 13.90
CA GLU B 269 4.08 9.91 14.55
C GLU B 269 2.70 10.54 14.70
N GLU B 270 1.86 10.30 13.71
CA GLU B 270 0.51 10.81 13.70
C GLU B 270 -0.33 10.20 14.80
N SER B 271 -0.26 8.88 14.96
CA SER B 271 -0.98 8.19 16.03
C SER B 271 -0.63 8.80 17.39
N ASN B 272 0.67 8.99 17.65
CA ASN B 272 1.15 9.61 18.88
C ASN B 272 0.61 11.03 19.12
N ILE B 273 0.60 11.87 18.09
CA ILE B 273 0.09 13.25 18.28
C ILE B 273 -1.46 13.27 18.36
N ASN B 274 -2.12 12.40 17.60
CA ASN B 274 -3.57 12.24 17.74
C ASN B 274 -3.97 11.92 19.17
N ALA B 275 -3.22 10.99 19.77
CA ALA B 275 -3.48 10.51 21.11
C ALA B 275 -3.14 11.57 22.19
N GLY B 276 -1.98 12.18 22.10
CA GLY B 276 -1.60 13.25 23.02
C GLY B 276 -2.61 14.39 23.05
N MET B 277 -3.07 14.83 21.88
CA MET B 277 -4.01 15.96 21.81
C MET B 277 -5.45 15.55 22.14
N ALA B 278 -5.81 14.31 21.86
CA ALA B 278 -7.11 13.82 22.28
C ALA B 278 -7.17 13.82 23.80
N ALA B 279 -6.08 13.39 24.43
CA ALA B 279 -6.00 13.38 25.88
C ALA B 279 -6.16 14.79 26.45
N ALA B 280 -5.46 15.76 25.86
CA ALA B 280 -5.58 17.16 26.27
C ALA B 280 -7.00 17.65 26.09
N SER B 281 -7.57 17.33 24.94
CA SER B 281 -8.92 17.73 24.63
C SER B 281 -9.94 17.06 25.53
N GLN B 282 -9.70 15.81 25.91
CA GLN B 282 -10.63 15.10 26.76
C GLN B 282 -10.57 15.64 28.19
N ILE B 283 -9.39 16.08 28.62
CA ILE B 283 -9.24 16.75 29.92
C ILE B 283 -9.91 18.13 29.93
N CYS B 284 -9.67 18.96 28.91
CA CYS B 284 -10.36 20.25 28.82
C CYS B 284 -11.85 20.02 28.95
N ASP B 285 -12.35 19.07 28.17
CA ASP B 285 -13.76 18.80 28.11
C ASP B 285 -14.29 18.33 29.47
N PHE B 286 -13.56 17.43 30.12
CA PHE B 286 -13.94 16.97 31.45
C PHE B 286 -14.10 18.14 32.42
N PHE B 287 -13.08 18.98 32.54
CA PHE B 287 -13.17 20.11 33.49
C PHE B 287 -14.21 21.14 33.07
N THR B 288 -14.20 21.53 31.81
CA THR B 288 -15.16 22.47 31.31
C THR B 288 -16.60 21.97 31.53
N ASN B 289 -16.89 20.75 31.09
CA ASN B 289 -18.28 20.27 31.01
C ASN B 289 -18.60 18.94 31.72
N GLY B 290 -17.66 18.40 32.48
CA GLY B 290 -17.83 17.11 33.13
C GLY B 290 -17.99 15.91 32.20
N THR B 291 -17.58 16.04 30.94
CA THR B 291 -17.72 14.95 29.98
C THR B 291 -16.84 13.77 30.38
N VAL B 292 -17.43 12.58 30.43
CA VAL B 292 -16.72 11.38 30.85
C VAL B 292 -16.84 10.26 29.82
N LYS B 293 -17.07 10.66 28.57
CA LYS B 293 -16.89 9.77 27.42
C LYS B 293 -15.47 9.21 27.44
N PHE B 294 -15.35 7.90 27.21
CA PHE B 294 -14.08 7.17 27.22
C PHE B 294 -13.54 6.84 28.62
N GLN B 295 -14.30 7.15 29.66
CA GLN B 295 -13.91 6.73 31.00
C GLN B 295 -13.94 5.21 30.99
N VAL B 296 -12.85 4.59 31.46
CA VAL B 296 -12.75 3.12 31.46
C VAL B 296 -12.97 2.50 32.83
N ASN B 297 -13.00 3.32 33.87
CA ASN B 297 -13.31 2.85 35.22
C ASN B 297 -14.62 3.45 35.74
N LYS B 298 -15.06 2.98 36.89
CA LYS B 298 -16.22 3.52 37.57
C LYS B 298 -16.07 3.38 39.08
N PHE B 299 -16.71 4.27 39.80
CA PHE B 299 -16.62 4.27 41.26
C PHE B 299 -17.81 4.99 41.89
N LEU B 300 -18.00 4.74 43.19
CA LEU B 300 -19.06 5.37 43.96
C LEU B 300 -18.72 6.83 44.20
N GLU B 301 -19.67 7.74 43.97
CA GLU B 301 -19.41 9.17 44.11
C GLU B 301 -19.68 9.66 45.53
#